data_7CE4
#
_entry.id   7CE4
#
_cell.length_a   66.534
_cell.length_b   66.534
_cell.length_c   116.815
_cell.angle_alpha   90.000
_cell.angle_beta   90.000
_cell.angle_gamma   90.000
#
_symmetry.space_group_name_H-M   'P 41 21 2'
#
loop_
_entity.id
_entity.type
_entity.pdbx_description
1 polymer 'Poly [ADP-ribose] polymerase tankyrase-2'
2 polymer 'Poly [ADP-ribose] polymerase tankyrase-2'
3 non-polymer 'ZINC ION'
4 non-polymer 'SULFATE ION'
5 non-polymer 5-[3-[[1-(6,7-dimethoxyquinazolin-4-yl)piperidin-4-yl]methyl]-2-oxidanylidene-4H-quinazolin-1-yl]-2-fluoranyl-benzenecarbonitrile
6 non-polymer 'TETRAETHYLENE GLYCOL'
7 water water
#
loop_
_entity_poly.entity_id
_entity_poly.type
_entity_poly.pdbx_seq_one_letter_code
_entity_poly.pdbx_strand_id
1 'polypeptide(L)'
;MHHHHHHSSGVDLGTENLYFQSMLNTSGSGTILIDLSPDDKEFQSVEEEMQSTVREHRDGGHAGGIFNRYNILKIQKVCN
KKLWERYTHRRKEVSEENHNHANERMLFHGSPFVNAIIHKGFDERHAYIGGMFGAGIYFAENSSKSNQYVYGIGGGTGCP
VHKDRSCYICHRQLLFCRVTLGKSFLQFSAM
;
A
2 'polypeptide(L)' KMAHSPPGHHSVTGRPSVNGLALAEYVIYRGEQAYPEYLITYQIMRPEG B
#
loop_
_chem_comp.id
_chem_comp.type
_chem_comp.name
_chem_comp.formula
KK6 non-polymer 5-[3-[[1-(6,7-dimethoxyquinazolin-4-yl)piperidin-4-yl]methyl]-2-oxidanylidene-4H-quinazolin-1-yl]-2-fluoranyl-benzenecarbonitrile 'C31 H29 F N6 O3'
PG4 non-polymer 'TETRAETHYLENE GLYCOL' 'C8 H18 O5'
SO4 non-polymer 'SULFATE ION' 'O4 S -2'
ZN non-polymer 'ZINC ION' 'Zn 2'
#
# COMPACT_ATOMS: atom_id res chain seq x y z
N GLY A 30 4.74 19.82 -7.08
CA GLY A 30 3.68 19.60 -8.06
C GLY A 30 2.45 18.96 -7.45
N THR A 31 2.47 18.50 -6.20
CA THR A 31 1.34 17.73 -5.64
C THR A 31 0.36 18.68 -4.98
N ILE A 32 -0.92 18.48 -5.21
CA ILE A 32 -2.00 19.08 -4.39
C ILE A 32 -2.87 17.96 -3.83
N LEU A 33 -3.33 18.16 -2.60
CA LEU A 33 -4.14 17.20 -1.87
C LEU A 33 -5.55 17.71 -1.80
N ILE A 34 -6.54 16.96 -2.28
CA ILE A 34 -7.94 17.44 -2.29
C ILE A 34 -8.66 16.63 -1.25
N ASP A 35 -9.23 17.32 -0.30
CA ASP A 35 -9.95 16.65 0.80
CA ASP A 35 -9.93 16.66 0.80
C ASP A 35 -11.25 16.10 0.24
N LEU A 36 -11.52 14.85 0.49
CA LEU A 36 -12.82 14.28 0.08
C LEU A 36 -13.81 14.41 1.23
N SER A 37 -15.02 14.85 0.89
CA SER A 37 -16.18 14.83 1.81
C SER A 37 -16.54 13.40 2.21
N PRO A 38 -16.94 13.14 3.47
CA PRO A 38 -17.44 11.83 3.83
C PRO A 38 -18.72 11.49 3.04
N ASP A 39 -19.39 12.49 2.47
CA ASP A 39 -20.61 12.25 1.66
C ASP A 39 -20.24 11.83 0.24
N ASP A 40 -18.96 11.90 -0.13
CA ASP A 40 -18.47 11.62 -1.52
C ASP A 40 -18.45 10.10 -1.70
N LYS A 41 -18.98 9.57 -2.80
CA LYS A 41 -18.94 8.11 -3.02
C LYS A 41 -17.47 7.62 -2.99
N GLU A 42 -16.49 8.42 -3.42
CA GLU A 42 -15.06 7.96 -3.45
C GLU A 42 -14.58 7.82 -2.00
N PHE A 43 -14.91 8.76 -1.12
CA PHE A 43 -14.56 8.60 0.33
C PHE A 43 -15.12 7.29 0.84
N GLN A 44 -16.38 7.02 0.55
CA GLN A 44 -17.10 5.85 1.08
C GLN A 44 -16.50 4.55 0.54
N SER A 45 -16.14 4.49 -0.73
CA SER A 45 -15.61 3.25 -1.33
C SER A 45 -14.19 3.02 -0.82
N VAL A 46 -13.41 4.08 -0.67
CA VAL A 46 -12.03 3.93 -0.12
C VAL A 46 -12.11 3.50 1.33
N GLU A 47 -12.97 4.11 2.13
CA GLU A 47 -13.14 3.68 3.53
C GLU A 47 -13.52 2.21 3.57
N GLU A 48 -14.47 1.77 2.75
CA GLU A 48 -14.95 0.40 2.84
C GLU A 48 -13.81 -0.59 2.53
N GLU A 49 -12.96 -0.24 1.59
CA GLU A 49 -11.83 -1.16 1.24
C GLU A 49 -10.85 -1.18 2.43
N MET A 50 -10.59 -0.05 3.07
CA MET A 50 -9.76 -0.03 4.30
C MET A 50 -10.35 -0.95 5.36
N GLN A 51 -11.62 -0.74 5.71
CA GLN A 51 -12.26 -1.42 6.86
C GLN A 51 -12.40 -2.92 6.54
N SER A 52 -12.80 -3.25 5.31
CA SER A 52 -13.22 -4.64 4.98
C SER A 52 -12.01 -5.55 4.85
N THR A 53 -10.81 -4.99 4.78
CA THR A 53 -9.58 -5.79 4.54
C THR A 53 -8.72 -5.86 5.81
N VAL A 54 -9.22 -5.45 6.95
CA VAL A 54 -8.62 -5.77 8.27
C VAL A 54 -8.66 -7.28 8.50
N ARG A 55 -7.57 -7.83 8.98
CA ARG A 55 -7.58 -9.22 9.51
C ARG A 55 -6.77 -9.25 10.81
N GLU A 56 -6.83 -10.40 11.50
CA GLU A 56 -5.93 -10.67 12.63
C GLU A 56 -4.56 -11.04 12.06
N HIS A 57 -3.51 -10.73 12.83
CA HIS A 57 -2.11 -11.04 12.43
C HIS A 57 -1.51 -12.05 13.41
N ARG A 58 -0.59 -12.85 12.91
CA ARG A 58 -0.02 -13.97 13.70
CA ARG A 58 0.01 -13.97 13.68
C ARG A 58 0.91 -13.42 14.81
N ASP A 59 1.22 -12.13 14.81
CA ASP A 59 2.01 -11.50 15.88
C ASP A 59 1.13 -11.00 17.01
N GLY A 60 -0.18 -11.29 16.95
CA GLY A 60 -1.13 -10.92 17.99
C GLY A 60 -1.27 -9.42 18.12
N GLY A 61 -0.85 -8.66 17.12
CA GLY A 61 -0.88 -7.19 17.18
C GLY A 61 0.46 -6.56 17.55
N HIS A 62 1.52 -7.33 17.67
CA HIS A 62 2.83 -6.75 18.05
C HIS A 62 3.22 -5.60 17.13
N ALA A 63 3.23 -5.78 15.82
CA ALA A 63 3.79 -4.78 14.91
C ALA A 63 2.82 -3.59 14.78
N GLY A 64 1.54 -3.88 14.52
CA GLY A 64 0.58 -2.85 14.05
C GLY A 64 -0.40 -2.45 15.09
N GLY A 65 -0.48 -3.18 16.21
CA GLY A 65 -1.44 -2.96 17.27
C GLY A 65 -2.64 -3.84 17.21
N ILE A 66 -3.45 -3.76 18.24
CA ILE A 66 -4.63 -4.62 18.41
C ILE A 66 -5.86 -3.82 18.01
N PHE A 67 -6.59 -4.24 16.98
CA PHE A 67 -7.78 -3.54 16.48
C PHE A 67 -8.51 -4.42 15.47
N ASN A 68 -9.81 -4.17 15.32
CA ASN A 68 -10.68 -4.83 14.32
C ASN A 68 -11.14 -3.83 13.27
N ARG A 69 -10.93 -2.52 13.52
CA ARG A 69 -11.44 -1.47 12.59
C ARG A 69 -10.69 -0.19 12.91
N TYR A 70 -10.85 0.78 12.01
CA TYR A 70 -10.21 2.09 12.13
C TYR A 70 -11.26 3.17 12.34
N ASN A 71 -10.75 4.26 12.86
CA ASN A 71 -11.43 5.59 12.81
C ASN A 71 -10.78 6.38 11.69
N ILE A 72 -11.47 6.50 10.58
CA ILE A 72 -10.96 7.25 9.42
C ILE A 72 -11.13 8.75 9.71
N LEU A 73 -10.05 9.49 9.74
CA LEU A 73 -10.10 10.94 10.08
C LEU A 73 -10.18 11.78 8.81
N LYS A 74 -9.51 11.39 7.75
CA LYS A 74 -9.44 12.18 6.50
C LYS A 74 -9.06 11.26 5.36
N ILE A 75 -9.62 11.53 4.19
CA ILE A 75 -9.16 10.89 2.94
C ILE A 75 -8.90 12.00 1.95
N GLN A 76 -7.69 12.09 1.47
CA GLN A 76 -7.24 13.10 0.48
C GLN A 76 -6.89 12.44 -0.84
N LYS A 77 -7.39 12.98 -1.92
CA LYS A 77 -6.94 12.63 -3.28
CA LYS A 77 -6.95 12.64 -3.29
C LYS A 77 -5.62 13.34 -3.58
N VAL A 78 -4.63 12.57 -3.99
CA VAL A 78 -3.29 13.05 -4.32
C VAL A 78 -3.26 13.39 -5.80
N CYS A 79 -3.03 14.65 -6.16
CA CYS A 79 -3.06 15.09 -7.56
C CYS A 79 -1.69 15.64 -7.95
N ASN A 80 -1.00 14.94 -8.85
CA ASN A 80 0.32 15.36 -9.35
C ASN A 80 0.42 14.94 -10.82
N LYS A 81 0.40 15.92 -11.72
CA LYS A 81 0.33 15.65 -13.18
C LYS A 81 1.59 14.90 -13.61
N LYS A 82 2.77 15.29 -13.15
CA LYS A 82 4.04 14.63 -13.53
C LYS A 82 3.97 13.15 -13.13
N LEU A 83 3.64 12.90 -11.87
CA LEU A 83 3.64 11.53 -11.34
C LEU A 83 2.60 10.74 -12.13
N TRP A 84 1.43 11.30 -12.39
CA TRP A 84 0.35 10.52 -13.05
C TRP A 84 0.79 10.16 -14.47
N GLU A 85 1.34 11.13 -15.19
CA GLU A 85 1.82 10.89 -16.58
C GLU A 85 2.92 9.85 -16.60
N ARG A 86 3.84 9.82 -15.63
CA ARG A 86 4.90 8.80 -15.60
CA ARG A 86 4.91 8.80 -15.57
C ARG A 86 4.24 7.44 -15.32
N TYR A 87 3.22 7.43 -14.47
CA TYR A 87 2.52 6.17 -14.15
C TYR A 87 1.86 5.63 -15.42
N THR A 88 1.10 6.47 -16.12
CA THR A 88 0.31 6.00 -17.29
C THR A 88 1.29 5.63 -18.42
N HIS A 89 2.45 6.27 -18.52
CA HIS A 89 3.42 5.92 -19.58
C HIS A 89 3.91 4.51 -19.31
N ARG A 90 4.27 4.23 -18.08
CA ARG A 90 4.79 2.89 -17.71
C ARG A 90 3.64 1.88 -17.87
N ARG A 91 2.42 2.27 -17.56
CA ARG A 91 1.28 1.32 -17.59
C ARG A 91 1.09 0.84 -19.02
N LYS A 92 1.19 1.75 -19.98
CA LYS A 92 1.08 1.44 -21.44
CA LYS A 92 1.06 1.42 -21.43
C LYS A 92 2.22 0.52 -21.85
N GLU A 93 3.45 0.78 -21.40
CA GLU A 93 4.58 -0.10 -21.74
C GLU A 93 4.31 -1.52 -21.25
N VAL A 94 3.86 -1.62 -20.00
CA VAL A 94 3.65 -2.96 -19.38
C VAL A 94 2.49 -3.64 -20.11
N SER A 95 1.38 -2.96 -20.34
CA SER A 95 0.18 -3.47 -21.07
CA SER A 95 0.20 -3.53 -21.03
C SER A 95 0.62 -4.10 -22.39
N GLU A 96 1.47 -3.38 -23.11
CA GLU A 96 1.90 -3.84 -24.47
C GLU A 96 2.74 -5.11 -24.38
N GLU A 97 3.40 -5.36 -23.27
CA GLU A 97 4.27 -6.53 -23.00
C GLU A 97 3.44 -7.69 -22.43
N ASN A 98 2.14 -7.52 -22.27
CA ASN A 98 1.31 -8.49 -21.53
C ASN A 98 -0.10 -8.53 -22.10
N HIS A 99 -0.21 -8.87 -23.40
CA HIS A 99 -1.51 -9.02 -24.10
C HIS A 99 -2.48 -7.93 -23.66
N ASN A 100 -2.03 -6.66 -23.73
CA ASN A 100 -2.93 -5.49 -23.55
CA ASN A 100 -2.91 -5.47 -23.54
C ASN A 100 -3.55 -5.51 -22.15
N HIS A 101 -2.79 -5.98 -21.17
CA HIS A 101 -3.32 -6.14 -19.80
C HIS A 101 -2.31 -5.58 -18.79
N ALA A 102 -2.66 -4.46 -18.19
CA ALA A 102 -1.80 -3.78 -17.21
C ALA A 102 -1.87 -4.56 -15.90
N ASN A 103 -2.96 -5.28 -15.67
CA ASN A 103 -3.16 -6.00 -14.39
C ASN A 103 -3.06 -4.98 -13.26
N GLU A 104 -3.89 -3.95 -13.36
CA GLU A 104 -3.87 -2.79 -12.43
C GLU A 104 -4.76 -3.09 -11.24
N ARG A 105 -4.22 -2.87 -10.06
CA ARG A 105 -4.90 -3.12 -8.78
C ARG A 105 -4.93 -1.82 -7.98
N MET A 106 -5.79 -1.76 -7.00
CA MET A 106 -5.75 -0.75 -5.93
C MET A 106 -5.32 -1.45 -4.65
N LEU A 107 -4.16 -1.02 -4.11
CA LEU A 107 -3.48 -1.74 -3.01
C LEU A 107 -2.98 -0.73 -1.97
N PHE A 108 -2.89 -1.19 -0.74
CA PHE A 108 -2.41 -0.34 0.38
C PHE A 108 -0.89 -0.33 0.40
N HIS A 109 -0.29 0.79 0.81
CA HIS A 109 1.14 0.91 1.15
C HIS A 109 1.27 1.65 2.47
N GLY A 110 1.97 1.06 3.43
CA GLY A 110 2.31 1.69 4.71
C GLY A 110 3.79 1.76 4.86
N SER A 111 4.29 2.92 5.27
CA SER A 111 5.70 3.15 5.61
C SER A 111 5.79 4.53 6.24
N PRO A 112 6.89 4.82 6.96
CA PRO A 112 7.09 6.17 7.45
C PRO A 112 7.32 7.25 6.40
N PHE A 113 7.29 6.93 5.11
CA PHE A 113 7.75 7.82 4.03
C PHE A 113 6.56 8.33 3.19
N VAL A 114 5.32 8.17 3.64
CA VAL A 114 4.11 8.50 2.83
C VAL A 114 4.12 9.98 2.46
N ASN A 115 4.61 10.87 3.32
CA ASN A 115 4.57 12.32 2.99
C ASN A 115 5.63 12.64 1.94
N ALA A 116 6.73 11.90 1.84
CA ALA A 116 7.72 11.99 0.74
C ALA A 116 7.12 11.45 -0.56
N ILE A 117 6.50 10.29 -0.48
CA ILE A 117 6.02 9.57 -1.69
C ILE A 117 4.97 10.43 -2.40
N ILE A 118 4.11 11.12 -1.69
CA ILE A 118 3.01 11.87 -2.36
C ILE A 118 3.58 13.06 -3.12
N HIS A 119 4.77 13.55 -2.78
CA HIS A 119 5.40 14.71 -3.47
C HIS A 119 6.32 14.26 -4.59
N LYS A 120 7.08 13.18 -4.40
CA LYS A 120 8.17 12.81 -5.33
C LYS A 120 7.90 11.44 -5.98
N GLY A 121 6.86 10.74 -5.55
CA GLY A 121 6.54 9.40 -6.06
C GLY A 121 7.36 8.34 -5.38
N PHE A 122 7.03 7.08 -5.63
CA PHE A 122 7.78 5.97 -5.04
C PHE A 122 9.16 5.93 -5.68
N ASP A 123 10.19 5.68 -4.88
CA ASP A 123 11.58 5.71 -5.37
C ASP A 123 12.19 4.32 -5.14
N GLU A 124 12.44 3.58 -6.22
CA GLU A 124 12.87 2.15 -6.15
C GLU A 124 14.30 2.09 -5.62
N ARG A 125 14.96 3.23 -5.42
CA ARG A 125 16.33 3.27 -4.86
C ARG A 125 16.23 3.13 -3.34
N HIS A 126 15.03 3.28 -2.75
CA HIS A 126 14.80 3.06 -1.31
C HIS A 126 14.10 1.70 -1.13
N ALA A 127 14.27 0.80 -2.09
CA ALA A 127 13.63 -0.54 -2.11
C ALA A 127 13.86 -1.27 -0.78
N TYR A 128 12.87 -2.04 -0.36
CA TYR A 128 12.90 -2.90 0.84
C TYR A 128 13.79 -4.11 0.57
N ILE A 129 15.06 -4.06 1.00
CA ILE A 129 16.03 -5.16 0.69
C ILE A 129 15.72 -6.38 1.55
N GLY A 130 15.21 -6.21 2.77
CA GLY A 130 14.95 -7.30 3.71
C GLY A 130 13.66 -8.04 3.40
N GLY A 131 12.93 -7.64 2.36
CA GLY A 131 11.57 -8.17 2.16
C GLY A 131 11.61 -9.61 1.68
N MET A 132 10.56 -10.39 1.96
CA MET A 132 10.47 -11.84 1.61
C MET A 132 10.46 -12.07 0.10
N PHE A 133 10.14 -11.05 -0.71
CA PHE A 133 9.88 -11.22 -2.17
C PHE A 133 10.85 -10.41 -3.02
N GLY A 134 12.03 -10.13 -2.50
CA GLY A 134 13.02 -9.36 -3.26
C GLY A 134 13.01 -7.90 -2.89
N ALA A 135 14.00 -7.18 -3.39
CA ALA A 135 14.33 -5.78 -3.06
C ALA A 135 13.46 -4.84 -3.91
N GLY A 136 12.26 -4.53 -3.44
CA GLY A 136 11.41 -3.64 -4.22
C GLY A 136 10.48 -2.86 -3.32
N ILE A 137 9.39 -2.36 -3.93
CA ILE A 137 8.38 -1.54 -3.23
C ILE A 137 7.18 -2.42 -2.96
N TYR A 138 6.80 -2.55 -1.71
CA TYR A 138 5.78 -3.50 -1.20
C TYR A 138 4.42 -2.79 -1.08
N PHE A 139 3.41 -3.57 -1.45
CA PHE A 139 1.97 -3.21 -1.33
C PHE A 139 1.21 -4.41 -0.79
N ALA A 140 0.04 -4.17 -0.24
CA ALA A 140 -0.75 -5.23 0.42
C ALA A 140 -2.23 -5.13 0.11
N GLU A 141 -2.91 -6.25 -0.04
CA GLU A 141 -4.38 -6.28 -0.12
C GLU A 141 -5.01 -6.03 1.26
N ASN A 142 -4.45 -6.56 2.36
CA ASN A 142 -4.98 -6.31 3.70
C ASN A 142 -4.50 -4.94 4.17
N SER A 143 -5.41 -4.02 4.38
CA SER A 143 -4.99 -2.72 4.99
C SER A 143 -4.23 -2.95 6.29
N SER A 144 -4.63 -3.95 7.06
CA SER A 144 -3.96 -4.20 8.34
C SER A 144 -2.51 -4.72 8.14
N LYS A 145 -2.17 -5.34 7.03
CA LYS A 145 -0.77 -5.65 6.74
C LYS A 145 0.02 -4.36 6.57
N SER A 146 -0.49 -3.42 5.76
CA SER A 146 0.18 -2.14 5.53
C SER A 146 0.31 -1.39 6.86
N ASN A 147 -0.69 -1.45 7.70
CA ASN A 147 -0.68 -0.78 9.04
C ASN A 147 0.50 -1.28 9.86
N GLN A 148 0.92 -2.52 9.69
CA GLN A 148 2.11 -3.02 10.41
C GLN A 148 3.37 -2.25 10.10
N TYR A 149 3.46 -1.52 9.01
CA TYR A 149 4.71 -0.88 8.54
C TYR A 149 4.67 0.66 8.67
N VAL A 150 3.56 1.22 9.11
CA VAL A 150 3.45 2.72 9.06
CA VAL A 150 3.39 2.71 9.16
C VAL A 150 4.53 3.33 9.98
N TYR A 151 4.88 2.70 11.11
CA TYR A 151 5.95 3.21 12.04
C TYR A 151 7.31 2.55 11.77
N GLY A 152 7.44 1.79 10.68
CA GLY A 152 8.69 1.17 10.22
C GLY A 152 8.57 -0.34 10.15
N ILE A 153 9.67 -0.98 9.79
CA ILE A 153 9.72 -2.45 9.67
C ILE A 153 9.35 -3.05 11.03
N GLY A 154 8.42 -4.00 11.10
CA GLY A 154 7.98 -4.58 12.37
C GLY A 154 7.27 -3.59 13.26
N GLY A 155 6.87 -2.45 12.67
CA GLY A 155 6.23 -1.37 13.43
C GLY A 155 7.26 -0.50 14.11
N GLY A 156 8.55 -0.77 13.89
CA GLY A 156 9.62 0.05 14.50
C GLY A 156 9.44 0.13 16.00
N THR A 157 9.54 1.35 16.56
CA THR A 157 9.32 1.63 17.99
C THR A 157 7.92 2.25 18.18
N GLY A 158 7.02 2.12 17.20
CA GLY A 158 5.66 2.62 17.38
C GLY A 158 5.60 4.12 17.17
N CYS A 159 4.54 4.72 17.67
CA CYS A 159 4.28 6.16 17.41
C CYS A 159 5.42 7.00 17.94
N PRO A 160 5.75 8.12 17.26
CA PRO A 160 6.80 9.03 17.73
C PRO A 160 6.58 9.56 19.14
N VAL A 161 5.34 9.84 19.53
CA VAL A 161 5.02 10.53 20.81
C VAL A 161 5.16 9.55 21.97
N HIS A 162 4.57 8.35 21.89
CA HIS A 162 4.38 7.43 23.04
C HIS A 162 5.24 6.16 22.86
N LYS A 163 5.89 6.00 21.73
CA LYS A 163 6.67 4.76 21.45
C LYS A 163 5.79 3.53 21.61
N ASP A 164 4.57 3.58 21.06
CA ASP A 164 3.55 2.55 21.30
C ASP A 164 3.13 2.02 19.92
N ARG A 165 3.48 0.79 19.58
CA ARG A 165 3.05 0.24 18.26
C ARG A 165 1.52 0.07 18.26
N SER A 166 0.82 0.00 19.40
CA SER A 166 -0.65 -0.10 19.49
C SER A 166 -1.32 1.24 19.86
N CYS A 167 -0.61 2.35 19.61
CA CYS A 167 -1.15 3.67 19.99
C CYS A 167 -2.54 3.84 19.39
N TYR A 168 -3.53 4.21 20.22
CA TYR A 168 -4.91 4.51 19.82
C TYR A 168 -5.14 6.02 19.71
N ILE A 169 -4.10 6.79 20.01
CA ILE A 169 -4.20 8.29 20.03
C ILE A 169 -3.60 8.89 18.78
N CYS A 170 -2.35 8.57 18.48
CA CYS A 170 -1.61 9.20 17.39
C CYS A 170 -2.23 8.89 16.03
N HIS A 171 -2.21 9.88 15.16
CA HIS A 171 -2.70 9.73 13.77
C HIS A 171 -1.73 8.93 12.96
N ARG A 172 -2.25 7.98 12.18
CA ARG A 172 -1.48 7.19 11.21
C ARG A 172 -1.88 7.56 9.80
N GLN A 173 -1.02 7.29 8.85
CA GLN A 173 -1.35 7.48 7.43
C GLN A 173 -0.93 6.25 6.61
N LEU A 174 -1.83 5.87 5.70
CA LEU A 174 -1.65 4.79 4.69
C LEU A 174 -1.86 5.44 3.33
N LEU A 175 -1.25 4.92 2.29
CA LEU A 175 -1.61 5.27 0.90
C LEU A 175 -2.48 4.16 0.31
N PHE A 176 -3.52 4.52 -0.40
CA PHE A 176 -4.28 3.56 -1.24
C PHE A 176 -3.89 3.87 -2.66
N CYS A 177 -3.21 2.93 -3.33
CA CYS A 177 -2.40 3.19 -4.53
C CYS A 177 -2.91 2.43 -5.75
N ARG A 178 -2.78 3.03 -6.92
CA ARG A 178 -3.02 2.36 -8.20
C ARG A 178 -1.70 1.73 -8.61
N VAL A 179 -1.67 0.40 -8.80
CA VAL A 179 -0.43 -0.37 -8.97
C VAL A 179 -0.58 -1.19 -10.26
N THR A 180 0.37 -1.07 -11.16
CA THR A 180 0.44 -1.92 -12.38
C THR A 180 1.26 -3.16 -12.03
N LEU A 181 0.65 -4.34 -12.05
CA LEU A 181 1.41 -5.59 -11.77
C LEU A 181 1.92 -6.23 -13.07
N GLY A 182 1.29 -5.97 -14.21
CA GLY A 182 1.61 -6.68 -15.44
C GLY A 182 1.65 -8.18 -15.21
N LYS A 183 2.63 -8.84 -15.82
CA LYS A 183 2.83 -10.28 -15.59
CA LYS A 183 2.85 -10.27 -15.60
C LYS A 183 3.49 -10.48 -14.24
N SER A 184 2.76 -11.01 -13.29
CA SER A 184 3.17 -11.12 -11.88
C SER A 184 3.67 -12.52 -11.60
N PHE A 185 4.91 -12.62 -11.18
CA PHE A 185 5.46 -13.93 -10.77
C PHE A 185 4.74 -14.37 -9.50
N LEU A 186 4.16 -15.57 -9.53
CA LEU A 186 3.47 -16.12 -8.35
C LEU A 186 4.47 -16.83 -7.46
N GLN A 187 4.76 -16.21 -6.34
CA GLN A 187 5.57 -16.80 -5.27
C GLN A 187 4.63 -17.18 -4.14
N PHE A 188 4.39 -18.46 -3.96
CA PHE A 188 3.71 -18.99 -2.79
C PHE A 188 4.61 -18.69 -1.60
N SER A 189 4.01 -18.15 -0.57
CA SER A 189 4.73 -17.77 0.66
C SER A 189 4.35 -18.78 1.73
N ALA A 190 5.31 -19.07 2.62
CA ALA A 190 5.10 -20.02 3.73
C ALA A 190 4.34 -19.33 4.86
N MET A 191 4.03 -18.04 4.72
CA MET A 191 3.16 -17.34 5.68
C MET A 191 1.69 -17.71 5.39
N HIS B 4 15.08 -5.53 -9.22
CA HIS B 4 14.73 -6.12 -10.57
C HIS B 4 13.70 -7.27 -10.43
N SER B 5 12.67 -7.26 -11.29
CA SER B 5 11.63 -8.34 -11.42
C SER B 5 12.25 -9.60 -12.03
N PRO B 6 11.70 -10.81 -11.72
CA PRO B 6 12.13 -12.04 -12.40
C PRO B 6 12.01 -11.88 -13.91
N PRO B 7 12.97 -12.43 -14.70
CA PRO B 7 12.93 -12.33 -16.16
C PRO B 7 11.55 -12.64 -16.77
N GLY B 8 11.13 -11.76 -17.67
CA GLY B 8 9.77 -11.65 -18.20
C GLY B 8 8.77 -11.65 -17.06
N HIS B 9 8.97 -10.88 -15.97
CA HIS B 9 7.86 -10.49 -15.05
C HIS B 9 7.95 -8.99 -14.77
N HIS B 10 6.83 -8.38 -14.41
CA HIS B 10 6.74 -6.95 -14.06
C HIS B 10 6.59 -6.76 -12.55
N SER B 11 6.33 -7.80 -11.80
CA SER B 11 6.03 -7.70 -10.37
C SER B 11 6.12 -9.07 -9.78
N VAL B 12 6.06 -9.16 -8.47
CA VAL B 12 5.91 -10.43 -7.77
C VAL B 12 4.64 -10.40 -6.92
N THR B 13 3.89 -11.48 -6.92
CA THR B 13 2.78 -11.77 -6.03
C THR B 13 3.26 -12.70 -4.94
N GLY B 14 3.26 -12.19 -3.71
CA GLY B 14 3.57 -12.96 -2.50
C GLY B 14 2.31 -13.48 -1.93
N ARG B 15 1.95 -14.71 -2.24
CA ARG B 15 0.64 -15.25 -1.89
C ARG B 15 0.77 -16.16 -0.69
N PRO B 16 0.32 -15.76 0.52
CA PRO B 16 0.30 -16.67 1.66
C PRO B 16 -0.35 -18.02 1.33
N SER B 17 0.33 -19.12 1.71
CA SER B 17 -0.14 -20.50 1.43
C SER B 17 -0.50 -21.22 2.75
N VAL B 18 -0.14 -20.66 3.91
CA VAL B 18 -0.41 -21.28 5.25
C VAL B 18 -1.60 -20.61 5.92
N ASN B 19 -1.58 -19.28 6.06
CA ASN B 19 -2.77 -18.56 6.59
C ASN B 19 -3.77 -18.34 5.44
N GLY B 20 -4.85 -19.12 5.45
CA GLY B 20 -5.88 -19.13 4.38
C GLY B 20 -6.72 -17.87 4.39
N LEU B 21 -6.63 -17.06 5.45
CA LEU B 21 -7.34 -15.74 5.51
C LEU B 21 -6.43 -14.59 5.15
N ALA B 22 -5.16 -14.82 4.95
CA ALA B 22 -4.24 -13.71 4.65
C ALA B 22 -4.32 -13.43 3.16
N LEU B 23 -4.47 -12.16 2.78
CA LEU B 23 -4.47 -11.83 1.37
C LEU B 23 -3.07 -11.55 0.90
N ALA B 24 -2.89 -11.26 -0.38
CA ALA B 24 -1.59 -11.20 -1.02
C ALA B 24 -0.84 -9.94 -0.66
N GLU B 25 0.45 -9.98 -0.84
CA GLU B 25 1.36 -8.83 -0.93
C GLU B 25 1.92 -8.78 -2.34
N TYR B 26 2.34 -7.62 -2.79
CA TYR B 26 2.88 -7.42 -4.14
C TYR B 26 4.11 -6.55 -4.11
N VAL B 27 5.03 -6.85 -4.98
CA VAL B 27 6.30 -6.10 -5.10
C VAL B 27 6.48 -5.65 -6.52
N ILE B 28 6.78 -4.38 -6.67
CA ILE B 28 7.23 -3.80 -7.95
C ILE B 28 8.67 -3.27 -7.79
N TYR B 29 9.36 -3.14 -8.91
CA TYR B 29 10.81 -2.78 -8.93
C TYR B 29 11.07 -1.43 -9.59
N ARG B 30 10.02 -0.71 -9.99
CA ARG B 30 10.07 0.63 -10.59
C ARG B 30 9.00 1.48 -9.92
N GLY B 31 9.37 2.60 -9.37
CA GLY B 31 8.40 3.49 -8.72
C GLY B 31 7.32 3.98 -9.67
N GLU B 32 7.57 4.05 -10.98
CA GLU B 32 6.58 4.56 -11.97
C GLU B 32 5.45 3.53 -12.16
N GLN B 33 5.55 2.33 -11.58
CA GLN B 33 4.45 1.35 -11.69
C GLN B 33 3.45 1.48 -10.56
N ALA B 34 3.52 2.55 -9.76
CA ALA B 34 2.49 2.85 -8.75
C ALA B 34 2.21 4.35 -8.72
N TYR B 35 0.98 4.70 -8.46
CA TYR B 35 0.53 6.09 -8.22
C TYR B 35 -0.10 6.14 -6.84
N PRO B 36 0.40 7.02 -5.96
CA PRO B 36 -0.12 7.16 -4.61
C PRO B 36 -1.42 7.97 -4.55
N GLU B 37 -2.51 7.33 -4.86
CA GLU B 37 -3.76 8.00 -5.32
C GLU B 37 -4.50 8.63 -4.14
N TYR B 38 -4.60 7.94 -3.00
CA TYR B 38 -5.34 8.42 -1.81
C TYR B 38 -4.43 8.38 -0.60
N LEU B 39 -4.41 9.47 0.17
CA LEU B 39 -3.73 9.54 1.47
C LEU B 39 -4.80 9.46 2.56
N ILE B 40 -4.76 8.41 3.37
CA ILE B 40 -5.80 8.09 4.38
C ILE B 40 -5.20 8.34 5.76
N THR B 41 -5.79 9.24 6.53
CA THR B 41 -5.34 9.55 7.89
C THR B 41 -6.35 8.91 8.83
N TYR B 42 -5.90 8.18 9.86
CA TYR B 42 -6.77 7.32 10.67
C TYR B 42 -6.14 7.02 12.03
N GLN B 43 -6.97 6.53 12.93
CA GLN B 43 -6.49 5.88 14.16
C GLN B 43 -6.93 4.43 14.09
N ILE B 44 -6.12 3.53 14.67
CA ILE B 44 -6.67 2.20 15.00
C ILE B 44 -7.61 2.35 16.19
N MET B 45 -8.66 1.55 16.23
CA MET B 45 -9.64 1.61 17.34
C MET B 45 -9.42 0.47 18.34
N ARG B 46 -9.35 0.79 19.63
CA ARG B 46 -9.29 -0.22 20.71
C ARG B 46 -10.57 -1.05 20.68
N PRO B 47 -10.49 -2.39 20.58
CA PRO B 47 -11.69 -3.21 20.61
C PRO B 47 -12.51 -3.04 21.92
N GLU B 48 -13.84 -3.08 21.84
CA GLU B 48 -14.69 -2.85 23.04
C GLU B 48 -14.70 -4.10 23.92
ZN ZN C . 1.06 7.76 20.27
S SO4 D . 1.03 -11.99 9.60
O1 SO4 D . 0.99 -12.35 8.19
O2 SO4 D . -0.18 -12.45 10.16
O3 SO4 D . 2.25 -12.69 10.01
O4 SO4 D . 1.19 -10.62 9.64
S SO4 E . -14.72 -3.49 17.88
O1 SO4 E . -15.14 -3.23 19.23
O2 SO4 E . -15.85 -3.67 17.00
O3 SO4 E . -13.92 -4.67 17.87
O4 SO4 E . -13.95 -2.34 17.44
F1 KK6 F . 4.11 -4.80 3.48
C29 KK6 F . 5.07 -3.90 3.36
C30 KK6 F . 4.70 -2.59 3.03
C31 KK6 F . 3.34 -2.24 2.80
N6 KK6 F . 2.23 -1.96 2.68
C23 KK6 F . 5.63 -1.63 2.89
C28 KK6 F . 6.41 -4.23 3.56
C27 KK6 F . 7.34 -3.23 3.39
C26 KK6 F . 6.93 -1.86 3.09
N5 KK6 F . 8.06 -1.01 2.96
C17 KK6 F . 8.55 -0.82 1.69
O3 KK6 F . 7.99 -1.16 0.63
C20 KK6 F . 8.57 -0.36 4.13
C22 KK6 F . 7.98 -0.41 5.37
C25 KK6 F . 8.53 0.22 6.51
C24 KK6 F . 9.78 0.87 6.35
C21 KK6 F . 10.37 0.96 5.10
C19 KK6 F . 9.79 0.29 4.00
C18 KK6 F . 10.49 0.38 2.75
N4 KK6 F . 9.77 -0.14 1.58
C16 KK6 F . 10.40 0.21 0.35
C14 KK6 F . 9.79 1.61 0.01
C11 KK6 F . 10.08 2.70 1.09
C7 KK6 F . 9.58 4.10 0.68
C12 KK6 F . 10.31 2.21 -1.30
C8 KK6 F . 9.90 3.66 -1.64
N1 KK6 F . 10.30 4.49 -0.54
C2 KK6 F . 10.36 5.86 -0.76
N2 KK6 F . 9.78 6.38 -1.82
C9 KK6 F . 9.81 7.68 -1.90
N3 KK6 F . 10.43 8.57 -1.11
C3 KK6 F . 11.12 8.07 -0.09
C1 KK6 F . 11.13 6.67 0.13
C5 KK6 F . 11.83 8.93 0.80
C10 KK6 F . 12.57 8.41 1.89
O2 KK6 F . 13.31 9.13 2.83
C15 KK6 F . 12.76 10.36 3.31
C6 KK6 F . 12.59 7.02 2.10
C4 KK6 F . 11.87 6.18 1.25
O1 KK6 F . 13.31 6.58 3.19
C13 KK6 F . 13.90 5.27 3.14
O1 PG4 G . -7.91 8.06 -11.42
C1 PG4 G . -6.72 8.75 -11.76
C2 PG4 G . -6.84 10.23 -11.61
O2 PG4 G . -6.04 10.67 -10.51
C3 PG4 G . -5.84 12.08 -10.51
C4 PG4 G . -4.47 12.35 -11.03
O3 PG4 G . -4.23 13.75 -10.99
C5 PG4 G . -3.12 14.15 -11.77
C6 PG4 G . -3.31 15.58 -12.21
O4 PG4 G . -3.18 16.44 -11.07
C7 PG4 G . -3.09 17.82 -11.43
C8 PG4 G . -3.57 18.68 -10.27
O5 PG4 G . -4.96 18.59 -10.06
#